data_1X38
#
_entry.id   1X38
#
_cell.length_a   100.558
_cell.length_b   100.558
_cell.length_c   182.414
_cell.angle_alpha   90.00
_cell.angle_beta   90.00
_cell.angle_gamma   90.00
#
_symmetry.space_group_name_H-M   'P 43 21 2'
#
loop_
_entity.id
_entity.type
_entity.pdbx_description
1 polymer 'beta-D-glucan exohydrolase isoenzyme ExoI'
2 branched beta-D-mannopyranose-(1-4)-2-acetamido-2-deoxy-beta-D-glucopyranose-(1-4)-2-acetamido-2-deoxy-beta-D-glucopyranose
3 branched 2-acetamido-2-deoxy-beta-D-glucopyranose-(1-2)-alpha-D-mannopyranose-(1-6)-[beta-D-xylopyranose-(1-2)]beta-D-mannopyranose-(1-4)-2-acetamido-2-deoxy-beta-D-glucopyranose-(1-4)-[alpha-L-fucopyranose-(1-3)]2-acetamido-2-deoxy-beta-D-glucopyranose
4 branched beta-D-xylopyranose-(1-2)-beta-D-mannopyranose-(1-4)-2-acetamido-2-deoxy-beta-D-glucopyranose-(1-4)-[alpha-L-fucopyranose-(1-3)]2-acetamido-2-deoxy-beta-D-glucopyranose
5 non-polymer 'SULFATE ION'
6 non-polymer (5R,6R,7S,8S)-5-(HYDROXYMETHYL)-2-PHENYL-5,6,7,8-TETRAHYDROIMIDAZO[1,2-A]PYRIDINE-6,7,8-TRIOL
7 non-polymer GLYCEROL
8 water water
#
_entity_poly.entity_id   1
_entity_poly.type   'polypeptide(L)'
_entity_poly.pdbx_seq_one_letter_code
;DYVLYKDATKPVEDRVADLLGRMTLAEKIGQMTQIERLVATPDVLRDNFIGSLLSGGGSVPRKGATAKEWQDMVDGFQKA
CMSTRLGIPMIYGIDAVHGQNNVYGATIFPHNVGLGATRDPYLVKRIGEATALEVRATGIQYAFAPCIAVCRDPRWGRCY
ESYSEDRRIVQSMTELIPGLQGDVPKDFTSGMPFVAGKNKVAACAKHFVGDGGTVDGINENNTIINREGLMNIHMPAYKN
AMDKGVSTVMISYSSWNGVKMHANQDLVTGYLKDTLKFKGFVISDWEGIDRITTPAGSDYSYSVKASILAGLDMIMVPNK
YQQFISILTGHVNGGVIPMSRIDDAVTRILRVKFTMGLFENPYADPAMAEQLGKQEHRDLAREAARKSLVLLKNGKTSTD
APLLPLPKKAPKILVAGSHADNLGYQCGGWTIEWQGDTGRTTVGTTILEAVKAAVDPSTVVVFAENPDAEFVKSGGFSYA
IVAVGEHPYTETKGDNLNLTIPEPGLSTVQAVCGGVRCATVLISGRPVVVQPLLAASDALVAAWLPGSEGQGVTDALFGD
FGFTGRLPRTWFKSVDQLPMNVGDAHYDPLFRLGYGLTTNAT
;
_entity_poly.pdbx_strand_id   A
#
# COMPACT_ATOMS: atom_id res chain seq x y z
N ASP A 1 44.75 10.75 -2.92
CA ASP A 1 44.45 9.80 -4.02
C ASP A 1 43.12 10.19 -4.67
N TYR A 2 42.97 9.83 -5.94
CA TYR A 2 41.65 9.83 -6.58
C TYR A 2 40.79 8.77 -5.89
N VAL A 3 39.55 9.14 -5.60
CA VAL A 3 38.59 8.26 -4.90
C VAL A 3 37.45 7.87 -5.85
N LEU A 4 37.55 6.67 -6.42
CA LEU A 4 36.64 6.25 -7.48
C LEU A 4 35.17 6.32 -7.10
N TYR A 5 34.80 5.90 -5.89
CA TYR A 5 33.37 5.82 -5.54
C TYR A 5 32.67 7.19 -5.55
N LYS A 6 33.46 8.25 -5.41
CA LYS A 6 32.91 9.61 -5.42
C LYS A 6 32.76 10.18 -6.82
N ASP A 7 33.28 9.45 -7.82
CA ASP A 7 33.24 9.88 -9.23
C ASP A 7 31.92 9.46 -9.91
N ALA A 8 31.03 10.43 -10.13
CA ALA A 8 29.70 10.16 -10.70
C ALA A 8 29.72 9.62 -12.13
N THR A 9 30.87 9.71 -12.80
CA THR A 9 30.99 9.26 -14.19
C THR A 9 31.32 7.76 -14.31
N LYS A 10 31.64 7.14 -13.19
CA LYS A 10 32.07 5.74 -13.14
C LYS A 10 30.89 4.77 -13.04
N PRO A 11 31.05 3.54 -13.59
CA PRO A 11 29.97 2.55 -13.51
C PRO A 11 29.63 2.19 -12.07
N VAL A 12 28.35 1.94 -11.82
CA VAL A 12 27.86 1.58 -10.49
C VAL A 12 28.68 0.47 -9.84
N GLU A 13 28.90 -0.63 -10.57
CA GLU A 13 29.60 -1.78 -9.99
C GLU A 13 31.02 -1.43 -9.53
N ASP A 14 31.69 -0.57 -10.30
CA ASP A 14 33.02 -0.07 -9.93
C ASP A 14 32.95 0.78 -8.68
N ARG A 15 31.94 1.63 -8.60
CA ARG A 15 31.76 2.53 -7.45
C ARG A 15 31.45 1.72 -6.19
N VAL A 16 30.57 0.73 -6.34
CA VAL A 16 30.25 -0.17 -5.23
C VAL A 16 31.49 -0.87 -4.68
N ALA A 17 32.27 -1.50 -5.57
CA ALA A 17 33.44 -2.26 -5.15
C ALA A 17 34.51 -1.36 -4.53
N ASP A 18 34.68 -0.17 -5.10
CA ASP A 18 35.65 0.79 -4.57
C ASP A 18 35.29 1.23 -3.16
N LEU A 19 34.00 1.53 -2.95
CA LEU A 19 33.53 1.93 -1.61
C LEU A 19 33.62 0.76 -0.63
N LEU A 20 33.11 -0.40 -1.03
CA LEU A 20 33.12 -1.58 -0.15
C LEU A 20 34.52 -1.86 0.41
N GLY A 21 35.52 -1.78 -0.48
CA GLY A 21 36.91 -2.07 -0.12
C GLY A 21 37.52 -1.13 0.89
N ARG A 22 36.88 0.01 1.13
CA ARG A 22 37.37 1.03 2.06
C ARG A 22 36.70 0.93 3.44
N MET A 23 35.62 0.15 3.54
CA MET A 23 34.77 0.19 4.73
C MET A 23 35.22 -0.71 5.88
N THR A 24 35.08 -0.19 7.10
CA THR A 24 35.31 -0.97 8.32
C THR A 24 34.08 -1.84 8.58
N LEU A 25 34.22 -2.80 9.49
CA LEU A 25 33.08 -3.63 9.86
C LEU A 25 31.92 -2.78 10.40
N ALA A 26 32.24 -1.79 11.24
CA ALA A 26 31.24 -0.88 11.80
C ALA A 26 30.47 -0.13 10.71
N GLU A 27 31.21 0.35 9.70
CA GLU A 27 30.59 1.04 8.57
C GLU A 27 29.71 0.10 7.73
N LYS A 28 30.15 -1.14 7.55
CA LYS A 28 29.36 -2.15 6.82
C LYS A 28 28.05 -2.51 7.54
N ILE A 29 28.16 -2.81 8.83
CA ILE A 29 26.99 -3.18 9.63
C ILE A 29 26.02 -1.99 9.73
N GLY A 30 26.59 -0.79 9.84
CA GLY A 30 25.79 0.43 9.81
C GLY A 30 24.91 0.54 8.56
N GLN A 31 25.47 0.23 7.39
CA GLN A 31 24.66 0.25 6.15
C GLN A 31 23.45 -0.69 6.21
N MET A 32 23.60 -1.80 6.93
CA MET A 32 22.57 -2.83 7.04
C MET A 32 21.49 -2.47 8.06
N THR A 33 21.66 -1.32 8.71
CA THR A 33 20.79 -0.94 9.82
C THR A 33 19.83 0.17 9.41
N GLN A 34 18.52 -0.13 9.50
CA GLN A 34 17.49 0.89 9.28
C GLN A 34 16.80 1.22 10.60
N ILE A 35 16.73 2.51 10.93
CA ILE A 35 16.11 2.93 12.18
C ILE A 35 14.94 3.89 12.00
N GLU A 36 14.03 3.87 12.96
CA GLU A 36 12.92 4.83 12.99
C GLU A 36 13.45 6.25 13.22
N ARG A 37 12.86 7.22 12.52
CA ARG A 37 13.17 8.63 12.81
C ARG A 37 12.96 8.95 14.29
N LEU A 38 12.03 8.25 14.94
CA LEU A 38 11.78 8.50 16.36
C LEU A 38 12.97 8.22 17.28
N VAL A 39 13.91 7.38 16.83
CA VAL A 39 15.11 7.09 17.64
C VAL A 39 16.39 7.71 17.06
N ALA A 40 16.24 8.45 15.96
CA ALA A 40 17.39 9.02 15.24
C ALA A 40 17.78 10.37 15.81
N THR A 41 19.07 10.63 15.78
CA THR A 41 19.62 11.87 16.25
C THR A 41 20.87 12.07 15.36
N PRO A 42 21.35 13.32 15.18
CA PRO A 42 22.60 13.47 14.40
C PRO A 42 23.77 12.60 14.90
N ASP A 43 23.99 12.59 16.22
CA ASP A 43 25.07 11.77 16.79
C ASP A 43 24.86 10.27 16.57
N VAL A 44 23.62 9.82 16.76
CA VAL A 44 23.33 8.40 16.53
C VAL A 44 23.65 8.00 15.09
N LEU A 45 23.24 8.84 14.14
CA LEU A 45 23.39 8.51 12.72
C LEU A 45 24.86 8.49 12.31
N ARG A 46 25.61 9.45 12.83
CA ARG A 46 27.03 9.56 12.59
C ARG A 46 27.78 8.43 13.29
N ASP A 47 27.57 8.32 14.60
CA ASP A 47 28.34 7.36 15.41
C ASP A 47 28.17 5.90 15.01
N ASN A 48 26.97 5.53 14.54
CA ASN A 48 26.69 4.15 14.16
C ASN A 48 26.68 3.93 12.64
N PHE A 49 27.07 4.95 11.89
CA PHE A 49 27.19 4.86 10.42
C PHE A 49 25.89 4.31 9.79
N ILE A 50 24.76 4.84 10.27
CA ILE A 50 23.44 4.30 9.91
C ILE A 50 23.16 4.41 8.41
N GLY A 51 22.60 3.34 7.83
CA GLY A 51 22.40 3.28 6.39
C GLY A 51 21.02 3.72 5.92
N SER A 52 20.03 3.67 6.82
CA SER A 52 18.68 4.02 6.37
C SER A 52 17.84 4.48 7.55
N LEU A 53 16.84 5.31 7.26
CA LEU A 53 15.82 5.65 8.25
C LEU A 53 14.47 5.33 7.64
N LEU A 54 13.46 5.17 8.49
CA LEU A 54 12.08 5.14 8.01
C LEU A 54 11.15 5.92 8.93
N SER A 55 10.01 6.31 8.35
CA SER A 55 8.80 6.63 9.10
C SER A 55 7.85 5.43 9.02
N GLY A 56 7.54 4.84 10.17
CA GLY A 56 6.40 3.93 10.26
C GLY A 56 5.11 4.73 10.08
N GLY A 57 3.98 4.03 10.00
CA GLY A 57 2.70 4.70 9.87
C GLY A 57 2.53 5.71 10.98
N GLY A 58 2.21 6.95 10.62
CA GLY A 58 1.95 8.01 11.60
C GLY A 58 3.20 8.63 12.22
N SER A 59 4.38 8.20 11.76
CA SER A 59 5.64 8.77 12.28
C SER A 59 5.99 10.00 11.47
N VAL A 60 5.56 11.15 11.98
CA VAL A 60 5.61 12.40 11.24
C VAL A 60 6.30 13.50 12.10
N PRO A 61 6.93 14.51 11.46
CA PRO A 61 7.62 15.54 12.26
C PRO A 61 6.67 16.36 13.14
N ARG A 62 5.47 16.60 12.62
CA ARG A 62 4.34 17.08 13.44
C ARG A 62 3.05 16.93 12.66
N LYS A 63 1.92 17.02 13.36
CA LYS A 63 0.64 16.95 12.65
C LYS A 63 0.51 18.15 11.74
N GLY A 64 0.03 17.90 10.52
CA GLY A 64 -0.15 18.98 9.55
C GLY A 64 1.14 19.55 8.99
N ALA A 65 2.25 18.84 9.15
CA ALA A 65 3.56 19.36 8.68
C ALA A 65 3.52 19.59 7.17
N THR A 66 4.16 20.67 6.72
CA THR A 66 4.22 20.99 5.29
C THR A 66 5.24 20.12 4.58
N ALA A 67 5.19 20.11 3.25
CA ALA A 67 6.22 19.41 2.46
C ALA A 67 7.63 19.90 2.83
N LYS A 68 7.81 21.21 2.99
CA LYS A 68 9.10 21.78 3.41
C LYS A 68 9.55 21.26 4.77
N GLU A 69 8.60 21.08 5.70
CA GLU A 69 8.95 20.55 7.02
C GLU A 69 9.51 19.14 6.91
N TRP A 70 8.88 18.30 6.08
CA TRP A 70 9.40 16.97 5.79
C TRP A 70 10.79 17.03 5.16
N GLN A 71 10.95 17.90 4.16
CA GLN A 71 12.26 18.05 3.51
C GLN A 71 13.35 18.43 4.51
N ASP A 72 13.05 19.40 5.37
CA ASP A 72 14.01 19.86 6.37
C ASP A 72 14.37 18.75 7.36
N MET A 73 13.38 17.93 7.72
CA MET A 73 13.62 16.80 8.60
C MET A 73 14.57 15.78 7.95
N VAL A 74 14.24 15.39 6.72
CA VAL A 74 15.03 14.38 6.01
C VAL A 74 16.44 14.92 5.75
N ASP A 75 16.53 16.16 5.29
CA ASP A 75 17.84 16.80 5.10
C ASP A 75 18.70 16.86 6.37
N GLY A 76 18.05 17.07 7.53
CA GLY A 76 18.77 17.13 8.81
C GLY A 76 19.44 15.80 9.11
N PHE A 77 18.70 14.72 8.89
CA PHE A 77 19.23 13.36 9.04
C PHE A 77 20.35 13.11 8.02
N GLN A 78 20.12 13.54 6.78
CA GLN A 78 21.11 13.32 5.71
C GLN A 78 22.43 14.04 6.02
N LYS A 79 22.35 15.29 6.51
CA LYS A 79 23.54 16.07 6.85
C LYS A 79 24.41 15.27 7.82
N ALA A 80 23.78 14.59 8.78
CA ALA A 80 24.53 13.82 9.78
C ALA A 80 25.23 12.63 9.11
N CYS A 81 24.51 11.92 8.23
CA CYS A 81 25.08 10.78 7.53
C CYS A 81 26.21 11.20 6.59
N MET A 82 26.04 12.34 5.91
CA MET A 82 27.04 12.83 4.97
C MET A 82 28.34 13.28 5.68
N SER A 83 28.24 13.50 6.99
CA SER A 83 29.35 13.97 7.81
C SER A 83 30.26 12.85 8.34
N THR A 84 29.88 11.60 8.08
CA THR A 84 30.73 10.46 8.43
C THR A 84 32.00 10.45 7.58
N ARG A 85 32.95 9.61 7.97
CA ARG A 85 34.24 9.52 7.28
C ARG A 85 34.08 9.28 5.77
N LEU A 86 33.17 8.37 5.41
CA LEU A 86 32.98 8.02 4.00
C LEU A 86 31.84 8.81 3.34
N GLY A 87 31.00 9.44 4.16
CA GLY A 87 29.91 10.28 3.67
C GLY A 87 28.91 9.51 2.82
N ILE A 88 28.56 8.30 3.26
CA ILE A 88 27.54 7.51 2.57
C ILE A 88 26.14 8.05 2.92
N PRO A 89 25.40 8.52 1.90
CA PRO A 89 24.08 9.10 2.21
C PRO A 89 23.12 8.00 2.66
N MET A 90 22.25 8.33 3.61
CA MET A 90 21.19 7.39 4.01
C MET A 90 20.05 7.43 2.98
N ILE A 91 19.29 6.34 2.95
CA ILE A 91 18.05 6.29 2.17
C ILE A 91 16.89 6.30 3.17
N TYR A 92 15.87 7.12 2.91
CA TYR A 92 14.74 7.28 3.84
C TYR A 92 13.54 6.60 3.22
N GLY A 93 12.96 5.64 3.95
CA GLY A 93 11.79 4.91 3.44
C GLY A 93 10.50 5.27 4.16
N ILE A 94 9.39 5.02 3.47
CA ILE A 94 8.06 5.30 4.04
C ILE A 94 7.00 4.45 3.31
N ASP A 95 5.90 4.16 3.99
CA ASP A 95 4.77 3.47 3.34
C ASP A 95 3.94 4.49 2.57
N ALA A 96 4.36 4.74 1.33
CA ALA A 96 3.55 5.49 0.37
C ALA A 96 2.87 4.43 -0.46
N VAL A 97 1.72 3.96 0.05
CA VAL A 97 1.05 2.78 -0.52
C VAL A 97 -0.28 3.11 -1.22
N HIS A 98 -0.76 4.33 -1.05
CA HIS A 98 -1.88 4.83 -1.89
C HIS A 98 -1.78 6.35 -1.96
N GLY A 99 -0.69 6.79 -2.59
CA GLY A 99 -0.22 8.15 -2.45
C GLY A 99 0.79 8.19 -1.30
N GLN A 100 1.24 9.40 -1.01
CA GLN A 100 2.20 9.67 0.07
C GLN A 100 1.38 9.83 1.36
N ASN A 101 0.77 8.70 1.77
CA ASN A 101 -0.39 8.72 2.66
C ASN A 101 -0.19 9.16 4.11
N ASN A 102 1.05 9.19 4.61
CA ASN A 102 1.30 9.70 5.98
C ASN A 102 1.23 11.22 6.03
N VAL A 103 1.27 11.85 4.88
CA VAL A 103 1.53 13.29 4.80
C VAL A 103 0.24 14.09 4.64
N TYR A 104 0.09 15.13 5.47
CA TYR A 104 -1.08 15.98 5.39
C TYR A 104 -1.12 16.69 4.03
N GLY A 105 -2.27 16.64 3.36
CA GLY A 105 -2.39 17.31 2.08
C GLY A 105 -1.93 16.51 0.88
N ALA A 106 -1.40 15.30 1.13
CA ALA A 106 -1.03 14.43 0.03
C ALA A 106 -2.28 13.84 -0.63
N THR A 107 -2.23 13.72 -1.94
CA THR A 107 -3.30 13.02 -2.67
C THR A 107 -3.42 11.58 -2.19
N ILE A 108 -4.64 11.16 -1.84
CA ILE A 108 -4.83 9.78 -1.40
C ILE A 108 -5.56 9.03 -2.49
N PHE A 109 -4.88 8.05 -3.08
CA PHE A 109 -5.46 7.24 -4.16
C PHE A 109 -6.27 6.06 -3.59
N PRO A 110 -7.13 5.45 -4.43
CA PRO A 110 -7.86 4.27 -3.96
C PRO A 110 -6.89 3.18 -3.52
N HIS A 111 -7.26 2.39 -2.51
CA HIS A 111 -6.42 1.25 -2.13
C HIS A 111 -6.38 0.18 -3.22
N ASN A 112 -5.41 -0.75 -3.08
CA ASN A 112 -5.14 -1.72 -4.13
C ASN A 112 -6.33 -2.55 -4.63
N VAL A 113 -7.18 -3.00 -3.73
CA VAL A 113 -8.31 -3.86 -4.15
C VAL A 113 -9.17 -3.11 -5.20
N GLY A 114 -9.41 -1.82 -4.97
CA GLY A 114 -10.16 -0.98 -5.92
C GLY A 114 -9.41 -0.80 -7.22
N LEU A 115 -8.09 -0.59 -7.12
CA LEU A 115 -7.25 -0.52 -8.33
C LEU A 115 -7.37 -1.82 -9.15
N GLY A 116 -7.41 -2.96 -8.48
CA GLY A 116 -7.62 -4.25 -9.16
C GLY A 116 -8.93 -4.26 -9.94
N ALA A 117 -9.95 -3.64 -9.37
CA ALA A 117 -11.27 -3.57 -10.01
C ALA A 117 -11.24 -2.79 -11.33
N THR A 118 -10.26 -1.89 -11.48
CA THR A 118 -10.15 -1.11 -12.71
C THR A 118 -9.65 -1.89 -13.92
N ARG A 119 -8.94 -3.00 -13.67
CA ARG A 119 -8.25 -3.73 -14.75
C ARG A 119 -7.47 -2.81 -15.70
N ASP A 120 -6.85 -1.76 -15.12
CA ASP A 120 -6.17 -0.74 -15.94
C ASP A 120 -4.74 -0.56 -15.44
N PRO A 121 -3.80 -1.40 -15.92
CA PRO A 121 -2.39 -1.27 -15.48
C PRO A 121 -1.74 0.09 -15.78
N TYR A 122 -2.15 0.76 -16.86
CA TYR A 122 -1.57 2.06 -17.21
C TYR A 122 -2.03 3.13 -16.22
N LEU A 123 -3.30 3.05 -15.81
CA LEU A 123 -3.79 3.89 -14.73
C LEU A 123 -2.89 3.72 -13.48
N VAL A 124 -2.61 2.46 -13.13
CA VAL A 124 -1.78 2.18 -11.96
C VAL A 124 -0.35 2.72 -12.13
N LYS A 125 0.21 2.57 -13.34
CA LYS A 125 1.53 3.17 -13.64
C LYS A 125 1.49 4.67 -13.39
N ARG A 126 0.44 5.35 -13.88
CA ARG A 126 0.31 6.80 -13.69
C ARG A 126 0.19 7.18 -12.21
N ILE A 127 -0.51 6.36 -11.44
CA ILE A 127 -0.57 6.54 -9.98
C ILE A 127 0.84 6.41 -9.37
N GLY A 128 1.61 5.41 -9.81
CA GLY A 128 3.03 5.28 -9.41
C GLY A 128 3.82 6.55 -9.70
N GLU A 129 3.62 7.09 -10.90
CA GLU A 129 4.32 8.32 -11.32
C GLU A 129 3.97 9.51 -10.41
N ALA A 130 2.67 9.69 -10.15
CA ALA A 130 2.21 10.79 -9.28
C ALA A 130 2.71 10.59 -7.86
N THR A 131 2.66 9.34 -7.38
CA THR A 131 3.10 9.01 -6.04
C THR A 131 4.59 9.31 -5.85
N ALA A 132 5.44 8.94 -6.82
CA ALA A 132 6.88 9.26 -6.74
C ALA A 132 7.10 10.77 -6.56
N LEU A 133 6.36 11.58 -7.31
CA LEU A 133 6.50 13.05 -7.25
C LEU A 133 6.09 13.56 -5.86
N GLU A 134 4.99 13.04 -5.31
CA GLU A 134 4.55 13.49 -3.99
C GLU A 134 5.46 13.00 -2.85
N VAL A 135 6.05 11.82 -3.03
CA VAL A 135 7.05 11.33 -2.07
C VAL A 135 8.32 12.21 -2.13
N ARG A 136 8.81 12.48 -3.34
CA ARG A 136 9.98 13.37 -3.49
C ARG A 136 9.68 14.82 -3.04
N ALA A 137 8.41 15.21 -3.11
CA ALA A 137 8.00 16.52 -2.58
C ALA A 137 8.37 16.67 -1.10
N THR A 138 8.37 15.54 -0.39
CA THR A 138 8.67 15.52 1.05
C THR A 138 10.12 15.11 1.34
N GLY A 139 10.94 15.01 0.29
CA GLY A 139 12.37 14.69 0.45
C GLY A 139 12.70 13.20 0.60
N ILE A 140 11.67 12.36 0.52
CA ILE A 140 11.84 10.93 0.77
C ILE A 140 12.13 10.21 -0.56
N GLN A 141 13.02 9.21 -0.51
CA GLN A 141 13.57 8.59 -1.73
C GLN A 141 13.12 7.16 -1.99
N TYR A 142 12.28 6.62 -1.09
CA TYR A 142 12.07 5.17 -1.05
C TYR A 142 10.67 4.87 -0.50
N ALA A 143 9.87 4.17 -1.31
CA ALA A 143 8.49 3.80 -0.96
C ALA A 143 8.39 2.30 -0.76
N PHE A 144 7.77 1.89 0.35
CA PHE A 144 7.55 0.47 0.65
C PHE A 144 6.30 -0.03 -0.11
N ALA A 145 6.40 -0.10 -1.44
CA ALA A 145 5.29 -0.45 -2.30
C ALA A 145 5.86 -0.88 -3.66
N PRO A 146 5.16 -1.75 -4.39
CA PRO A 146 3.81 -2.29 -4.10
C PRO A 146 3.74 -3.52 -3.20
N CYS A 147 2.65 -3.62 -2.44
CA CYS A 147 2.22 -4.89 -1.90
C CYS A 147 1.67 -5.72 -3.06
N ILE A 148 2.38 -6.80 -3.38
CA ILE A 148 1.95 -7.75 -4.42
C ILE A 148 1.45 -9.06 -3.80
N ALA A 149 0.95 -8.99 -2.57
CA ALA A 149 0.24 -10.14 -1.99
C ALA A 149 -0.94 -10.52 -2.88
N VAL A 150 -1.20 -11.82 -2.93
CA VAL A 150 -2.38 -12.36 -3.59
C VAL A 150 -3.30 -12.85 -2.45
N CYS A 151 -4.24 -12.00 -2.05
CA CYS A 151 -5.11 -12.33 -0.92
C CYS A 151 -6.08 -13.43 -1.29
N ARG A 152 -5.95 -14.58 -0.61
CA ARG A 152 -6.75 -15.78 -0.89
C ARG A 152 -7.89 -16.00 0.12
N ASP A 153 -8.00 -15.08 1.09
CA ASP A 153 -9.04 -15.16 2.12
C ASP A 153 -9.30 -13.72 2.66
N PRO A 154 -10.50 -13.16 2.39
CA PRO A 154 -10.77 -11.75 2.72
C PRO A 154 -10.91 -11.47 4.22
N ARG A 155 -10.88 -12.54 5.05
CA ARG A 155 -10.80 -12.34 6.49
C ARG A 155 -9.48 -11.70 6.93
N TRP A 156 -8.50 -11.70 6.02
CA TRP A 156 -7.21 -11.00 6.26
C TRP A 156 -7.36 -9.49 6.32
N GLY A 157 -6.78 -8.89 7.35
CA GLY A 157 -6.78 -7.45 7.52
C GLY A 157 -6.07 -6.65 6.44
N ARG A 158 -5.30 -7.33 5.59
CA ARG A 158 -4.58 -6.64 4.52
C ARG A 158 -5.14 -6.98 3.14
N CYS A 159 -6.35 -7.58 3.11
CA CYS A 159 -6.94 -7.92 1.82
C CYS A 159 -7.02 -6.66 0.91
N TYR A 160 -7.29 -5.50 1.49
CA TYR A 160 -7.40 -4.28 0.65
C TYR A 160 -6.08 -3.85 0.01
N GLU A 161 -4.98 -4.35 0.57
CA GLU A 161 -3.65 -4.06 0.03
C GLU A 161 -3.26 -4.99 -1.14
N SER A 162 -4.13 -5.96 -1.42
CA SER A 162 -3.90 -6.88 -2.53
C SER A 162 -4.78 -6.47 -3.70
N TYR A 163 -4.21 -6.40 -4.90
CA TYR A 163 -5.00 -6.04 -6.08
C TYR A 163 -6.10 -7.05 -6.42
N SER A 164 -5.87 -8.32 -6.08
CA SER A 164 -6.77 -9.40 -6.49
C SER A 164 -6.43 -10.75 -5.86
N GLU A 165 -7.43 -11.63 -5.77
CA GLU A 165 -7.20 -13.05 -5.43
C GLU A 165 -6.59 -13.80 -6.62
N ASP A 166 -6.69 -13.21 -7.81
CA ASP A 166 -6.16 -13.75 -9.04
C ASP A 166 -4.77 -13.19 -9.33
N ARG A 167 -3.76 -14.06 -9.24
CA ARG A 167 -2.38 -13.65 -9.49
C ARG A 167 -2.16 -12.92 -10.83
N ARG A 168 -2.93 -13.28 -11.87
CA ARG A 168 -2.80 -12.61 -13.17
C ARG A 168 -3.07 -11.10 -13.09
N ILE A 169 -4.06 -10.72 -12.29
CA ILE A 169 -4.36 -9.31 -12.08
C ILE A 169 -3.23 -8.63 -11.28
N VAL A 170 -2.77 -9.28 -10.21
CA VAL A 170 -1.64 -8.77 -9.42
C VAL A 170 -0.41 -8.56 -10.32
N GLN A 171 -0.11 -9.55 -11.15
CA GLN A 171 0.98 -9.45 -12.14
C GLN A 171 0.81 -8.23 -13.03
N SER A 172 -0.39 -8.01 -13.57
CA SER A 172 -0.61 -6.85 -14.44
C SER A 172 -0.35 -5.52 -13.74
N MET A 173 -0.68 -5.45 -12.44
CA MET A 173 -0.56 -4.21 -11.65
C MET A 173 0.86 -3.90 -11.16
N THR A 174 1.79 -4.80 -11.46
CA THR A 174 3.21 -4.51 -11.16
C THR A 174 3.72 -3.31 -11.97
N GLU A 175 2.89 -2.81 -12.89
CA GLU A 175 3.18 -1.52 -13.56
C GLU A 175 3.36 -0.36 -12.58
N LEU A 176 2.91 -0.51 -11.34
CA LEU A 176 3.19 0.52 -10.34
C LEU A 176 4.69 0.79 -10.26
N ILE A 177 5.47 -0.30 -10.40
CA ILE A 177 6.92 -0.27 -10.19
C ILE A 177 7.64 0.72 -11.13
N PRO A 178 7.51 0.54 -12.47
CA PRO A 178 8.11 1.55 -13.35
C PRO A 178 7.45 2.93 -13.27
N GLY A 179 6.23 3.02 -12.73
CA GLY A 179 5.67 4.33 -12.38
C GLY A 179 6.48 5.03 -11.28
N LEU A 180 6.70 4.31 -10.17
CA LEU A 180 7.45 4.84 -9.04
C LEU A 180 8.92 5.10 -9.38
N GLN A 181 9.52 4.16 -10.12
CA GLN A 181 10.97 4.15 -10.34
C GLN A 181 11.42 4.71 -11.69
N GLY A 182 10.51 4.75 -12.67
CA GLY A 182 10.90 5.03 -14.05
C GLY A 182 11.02 3.74 -14.86
N ASP A 183 10.83 3.85 -16.17
CA ASP A 183 10.93 2.70 -17.06
C ASP A 183 12.38 2.24 -17.20
N VAL A 184 12.60 0.93 -17.17
CA VAL A 184 13.95 0.37 -17.32
C VAL A 184 14.40 0.48 -18.79
N PRO A 185 15.73 0.57 -19.03
CA PRO A 185 16.29 0.63 -20.39
C PRO A 185 15.97 -0.58 -21.26
N LYS A 186 16.25 -0.45 -22.56
CA LYS A 186 16.09 -1.54 -23.52
C LYS A 186 16.98 -2.72 -23.15
N ASP A 187 18.19 -2.41 -22.71
CA ASP A 187 19.22 -3.40 -22.40
C ASP A 187 18.96 -4.22 -21.11
N PHE A 188 17.92 -3.87 -20.37
CA PHE A 188 17.81 -4.25 -18.95
C PHE A 188 17.82 -5.74 -18.61
N THR A 189 18.66 -6.11 -17.64
CA THR A 189 18.73 -7.48 -17.13
C THR A 189 17.77 -7.68 -15.96
N SER A 190 16.82 -8.62 -16.11
CA SER A 190 15.85 -8.93 -15.06
C SER A 190 16.55 -9.19 -13.72
N GLY A 191 16.03 -8.57 -12.65
CA GLY A 191 16.59 -8.74 -11.31
C GLY A 191 17.53 -7.62 -10.88
N MET A 192 18.01 -6.83 -11.83
CA MET A 192 18.82 -5.65 -11.49
C MET A 192 17.92 -4.55 -10.88
N PRO A 193 18.44 -3.78 -9.91
CA PRO A 193 17.65 -2.67 -9.41
C PRO A 193 17.69 -1.48 -10.37
N PHE A 194 16.66 -0.64 -10.33
CA PHE A 194 16.59 0.54 -11.19
C PHE A 194 15.80 1.66 -10.52
N VAL A 195 16.35 2.87 -10.56
CA VAL A 195 15.60 4.11 -10.30
C VAL A 195 16.17 5.16 -11.26
N ALA A 196 15.28 5.88 -11.95
CA ALA A 196 15.70 6.79 -13.04
C ALA A 196 16.53 8.00 -12.61
N GLY A 197 16.32 8.46 -11.38
CA GLY A 197 16.97 9.65 -10.86
C GLY A 197 16.18 10.34 -9.76
N LYS A 198 16.50 11.62 -9.54
CA LYS A 198 16.03 12.38 -8.37
C LYS A 198 14.54 12.66 -8.30
N ASN A 199 13.83 12.47 -9.42
CA ASN A 199 12.39 12.69 -9.45
C ASN A 199 11.57 11.39 -9.34
N LYS A 200 12.28 10.29 -9.09
CA LYS A 200 11.66 8.97 -8.89
C LYS A 200 12.11 8.42 -7.53
N VAL A 201 11.50 7.32 -7.11
CA VAL A 201 11.83 6.69 -5.83
C VAL A 201 12.16 5.22 -6.03
N ALA A 202 12.95 4.66 -5.12
CA ALA A 202 13.09 3.21 -5.03
C ALA A 202 11.76 2.61 -4.57
N ALA A 203 11.41 1.48 -5.19
CA ALA A 203 10.21 0.73 -4.86
C ALA A 203 10.57 -0.53 -4.07
N CYS A 204 9.55 -1.26 -3.64
CA CYS A 204 9.71 -2.41 -2.77
C CYS A 204 8.60 -3.39 -3.01
N ALA A 205 8.91 -4.53 -3.63
CA ALA A 205 7.92 -5.60 -3.82
C ALA A 205 7.78 -6.32 -2.47
N LYS A 206 6.55 -6.38 -1.93
CA LYS A 206 6.34 -6.98 -0.61
C LYS A 206 5.02 -7.75 -0.52
N HIS A 207 4.87 -8.68 0.43
CA HIS A 207 5.92 -9.14 1.34
C HIS A 207 6.27 -10.58 0.93
N PHE A 208 7.55 -10.82 0.68
CA PHE A 208 8.02 -12.10 0.12
C PHE A 208 8.01 -13.20 1.20
N VAL A 209 7.28 -14.30 1.02
CA VAL A 209 6.31 -14.58 -0.08
C VAL A 209 5.15 -15.38 0.53
N GLY A 210 3.96 -15.24 -0.04
CA GLY A 210 2.78 -15.96 0.46
C GLY A 210 2.07 -15.27 1.62
N ASP A 211 2.35 -13.97 1.82
CA ASP A 211 1.64 -13.18 2.83
C ASP A 211 0.10 -13.23 2.70
N GLY A 212 -0.38 -13.37 1.46
CA GLY A 212 -1.82 -13.44 1.19
C GLY A 212 -2.44 -14.85 1.27
N GLY A 213 -1.65 -15.84 1.69
CA GLY A 213 -2.10 -17.24 1.72
C GLY A 213 -2.21 -17.88 3.10
N THR A 214 -2.28 -17.03 4.14
CA THR A 214 -2.22 -17.57 5.52
C THR A 214 -3.54 -18.23 5.93
N VAL A 215 -3.43 -19.22 6.82
CA VAL A 215 -4.60 -19.96 7.31
C VAL A 215 -5.65 -19.01 7.87
N ASP A 216 -6.88 -19.14 7.34
CA ASP A 216 -8.03 -18.30 7.74
C ASP A 216 -7.80 -16.79 7.62
N GLY A 217 -6.84 -16.39 6.78
CA GLY A 217 -6.49 -14.98 6.63
C GLY A 217 -5.91 -14.36 7.91
N ILE A 218 -5.37 -15.19 8.79
CA ILE A 218 -4.77 -14.69 10.03
C ILE A 218 -3.46 -13.97 9.67
N ASN A 219 -3.37 -12.68 10.02
CA ASN A 219 -2.21 -11.88 9.64
C ASN A 219 -0.93 -12.42 10.29
N GLU A 220 0.14 -12.49 9.51
CA GLU A 220 1.49 -12.93 9.96
C GLU A 220 1.57 -14.43 10.25
N ASN A 221 0.52 -15.16 9.89
CA ASN A 221 0.40 -16.59 10.24
C ASN A 221 1.07 -17.54 9.24
N ASN A 222 0.59 -18.77 9.18
CA ASN A 222 1.24 -19.82 8.40
C ASN A 222 0.53 -20.00 7.07
N THR A 223 1.29 -19.99 5.99
CA THR A 223 0.75 -20.31 4.68
C THR A 223 1.06 -21.77 4.37
N ILE A 224 0.01 -22.59 4.38
CA ILE A 224 0.13 -24.03 4.20
C ILE A 224 -0.28 -24.38 2.78
N ILE A 225 0.71 -24.61 1.92
CA ILE A 225 0.52 -24.89 0.50
C ILE A 225 1.77 -25.58 -0.04
N ASN A 226 1.61 -26.52 -0.98
CA ASN A 226 2.78 -27.16 -1.59
C ASN A 226 3.58 -26.18 -2.48
N ARG A 227 4.79 -26.56 -2.86
CA ARG A 227 5.65 -25.68 -3.65
C ARG A 227 5.02 -25.28 -4.98
N GLU A 228 4.36 -26.23 -5.65
CA GLU A 228 3.66 -25.92 -6.89
C GLU A 228 2.66 -24.77 -6.72
N GLY A 229 1.86 -24.83 -5.65
CA GLY A 229 0.87 -23.79 -5.35
C GLY A 229 1.50 -22.46 -4.97
N LEU A 230 2.56 -22.51 -4.17
CA LEU A 230 3.35 -21.32 -3.81
C LEU A 230 3.82 -20.65 -5.10
N MET A 231 4.39 -21.45 -6.00
CA MET A 231 4.97 -20.95 -7.25
C MET A 231 3.92 -20.51 -8.28
N ASN A 232 2.72 -21.10 -8.22
CA ASN A 232 1.66 -20.79 -9.17
C ASN A 232 0.77 -19.62 -8.77
N ILE A 233 0.69 -19.34 -7.47
CA ILE A 233 -0.20 -18.30 -6.96
C ILE A 233 0.58 -17.12 -6.41
N HIS A 234 1.49 -17.40 -5.49
CA HIS A 234 2.08 -16.38 -4.63
C HIS A 234 3.37 -15.75 -5.16
N MET A 235 4.06 -16.48 -6.01
CA MET A 235 5.36 -16.10 -6.56
C MET A 235 5.36 -15.32 -7.89
N PRO A 236 4.45 -15.66 -8.84
CA PRO A 236 4.56 -15.08 -10.19
C PRO A 236 4.82 -13.57 -10.28
N ALA A 237 4.12 -12.78 -9.48
CA ALA A 237 4.29 -11.33 -9.54
C ALA A 237 5.71 -10.86 -9.14
N TYR A 238 6.42 -11.65 -8.33
CA TYR A 238 7.82 -11.32 -8.03
C TYR A 238 8.72 -11.38 -9.26
N LYS A 239 8.44 -12.32 -10.17
CA LYS A 239 9.19 -12.39 -11.41
C LYS A 239 8.92 -11.16 -12.31
N ASN A 240 7.66 -10.75 -12.42
CA ASN A 240 7.34 -9.50 -13.10
C ASN A 240 8.08 -8.31 -12.46
N ALA A 241 8.15 -8.30 -11.12
CA ALA A 241 8.87 -7.26 -10.41
C ALA A 241 10.36 -7.22 -10.77
N MET A 242 10.97 -8.40 -10.87
CA MET A 242 12.38 -8.54 -11.31
C MET A 242 12.56 -7.97 -12.73
N ASP A 243 11.62 -8.31 -13.61
CA ASP A 243 11.64 -7.87 -15.00
C ASP A 243 11.56 -6.34 -15.12
N LYS A 244 10.91 -5.72 -14.13
CA LYS A 244 10.71 -4.28 -14.12
C LYS A 244 11.73 -3.54 -13.23
N GLY A 245 12.72 -4.27 -12.74
CA GLY A 245 13.83 -3.67 -11.98
C GLY A 245 13.48 -3.16 -10.59
N VAL A 246 12.55 -3.80 -9.90
CA VAL A 246 12.24 -3.38 -8.51
C VAL A 246 13.54 -3.34 -7.67
N SER A 247 13.73 -2.26 -6.93
CA SER A 247 15.01 -2.00 -6.25
C SER A 247 15.20 -2.83 -4.99
N THR A 248 14.08 -3.11 -4.31
CA THR A 248 14.13 -3.80 -3.02
C THR A 248 12.96 -4.80 -2.90
N VAL A 249 13.12 -5.75 -1.99
CA VAL A 249 12.07 -6.71 -1.65
C VAL A 249 11.99 -6.79 -0.14
N MET A 250 10.79 -6.69 0.42
CA MET A 250 10.62 -6.83 1.87
C MET A 250 10.10 -8.20 2.19
N ILE A 251 10.68 -8.82 3.21
CA ILE A 251 10.30 -10.18 3.63
C ILE A 251 9.04 -10.14 4.49
N SER A 252 8.20 -11.17 4.34
CA SER A 252 6.95 -11.30 5.08
C SER A 252 7.13 -11.78 6.53
N TYR A 253 6.30 -11.29 7.42
CA TYR A 253 6.16 -11.88 8.75
C TYR A 253 5.68 -13.34 8.71
N SER A 254 4.95 -13.71 7.66
CA SER A 254 4.31 -15.02 7.61
C SER A 254 5.32 -16.17 7.49
N SER A 255 4.79 -17.38 7.63
CA SER A 255 5.57 -18.58 7.49
C SER A 255 5.10 -19.35 6.25
N TRP A 256 5.96 -20.19 5.70
CA TRP A 256 5.53 -21.14 4.65
C TRP A 256 5.73 -22.56 5.17
N ASN A 257 4.64 -23.30 5.28
CA ASN A 257 4.65 -24.65 5.85
C ASN A 257 5.47 -24.70 7.16
N GLY A 258 5.21 -23.73 8.02
CA GLY A 258 5.83 -23.65 9.35
C GLY A 258 7.21 -23.03 9.47
N VAL A 259 7.82 -22.65 8.35
CA VAL A 259 9.14 -21.99 8.40
C VAL A 259 8.95 -20.49 8.22
N LYS A 260 9.47 -19.72 9.18
CA LYS A 260 9.39 -18.26 9.13
C LYS A 260 10.09 -17.76 7.87
N MET A 261 9.41 -16.89 7.11
CA MET A 261 10.04 -16.28 5.93
C MET A 261 11.36 -15.56 6.27
N HIS A 262 11.38 -14.87 7.41
CA HIS A 262 12.58 -14.14 7.87
C HIS A 262 13.78 -15.06 8.19
N ALA A 263 13.53 -16.37 8.28
CA ALA A 263 14.60 -17.34 8.50
C ALA A 263 14.79 -18.32 7.34
N ASN A 264 14.15 -18.06 6.20
CA ASN A 264 14.11 -19.05 5.12
C ASN A 264 15.21 -18.84 4.06
N GLN A 265 16.33 -19.52 4.25
CA GLN A 265 17.48 -19.34 3.36
C GLN A 265 17.15 -19.92 1.98
N ASP A 266 16.41 -21.03 1.93
CA ASP A 266 16.03 -21.63 0.66
C ASP A 266 15.29 -20.65 -0.25
N LEU A 267 14.32 -19.93 0.29
CA LEU A 267 13.53 -19.01 -0.51
C LEU A 267 14.23 -17.66 -0.75
N VAL A 268 14.83 -17.10 0.30
CA VAL A 268 15.41 -15.76 0.19
C VAL A 268 16.72 -15.81 -0.62
N THR A 269 17.62 -16.70 -0.25
CA THR A 269 18.88 -16.85 -0.99
C THR A 269 18.72 -17.80 -2.19
N GLY A 270 18.25 -19.01 -1.94
CA GLY A 270 18.15 -20.02 -2.98
C GLY A 270 17.28 -19.62 -4.14
N TYR A 271 16.12 -19.01 -3.85
CA TYR A 271 15.18 -18.66 -4.91
C TYR A 271 15.26 -17.20 -5.36
N LEU A 272 14.99 -16.27 -4.44
CA LEU A 272 14.95 -14.86 -4.81
C LEU A 272 16.29 -14.38 -5.36
N LYS A 273 17.37 -14.62 -4.62
CA LYS A 273 18.68 -14.16 -5.09
C LYS A 273 19.28 -15.07 -6.18
N ASP A 274 19.28 -16.39 -5.94
CA ASP A 274 20.05 -17.31 -6.80
C ASP A 274 19.31 -17.78 -8.04
N THR A 275 17.98 -17.75 -8.02
CA THR A 275 17.19 -18.25 -9.14
C THR A 275 16.57 -17.11 -9.95
N LEU A 276 15.94 -16.16 -9.25
CA LEU A 276 15.39 -14.97 -9.89
C LEU A 276 16.47 -13.92 -10.20
N LYS A 277 17.66 -14.13 -9.64
CA LYS A 277 18.82 -13.26 -9.91
C LYS A 277 18.58 -11.83 -9.42
N PHE A 278 17.81 -11.71 -8.33
CA PHE A 278 17.58 -10.41 -7.71
C PHE A 278 18.91 -9.82 -7.22
N LYS A 279 19.20 -8.59 -7.65
CA LYS A 279 20.46 -7.92 -7.31
C LYS A 279 20.28 -6.63 -6.52
N GLY A 280 19.02 -6.30 -6.18
CA GLY A 280 18.77 -5.19 -5.25
C GLY A 280 18.94 -5.69 -3.82
N PHE A 281 18.39 -4.95 -2.86
CA PHE A 281 18.49 -5.36 -1.47
C PHE A 281 17.20 -5.86 -0.85
N VAL A 282 17.37 -6.87 0.01
CA VAL A 282 16.29 -7.50 0.74
C VAL A 282 16.20 -6.86 2.13
N ILE A 283 15.02 -6.35 2.47
CA ILE A 283 14.80 -5.71 3.78
C ILE A 283 13.83 -6.53 4.61
N SER A 284 14.07 -6.57 5.92
CA SER A 284 13.10 -7.20 6.83
C SER A 284 11.86 -6.32 6.97
N ASP A 285 10.79 -6.90 7.52
CA ASP A 285 9.68 -6.12 8.01
C ASP A 285 10.05 -5.66 9.44
N TRP A 286 9.14 -4.92 10.04
CA TRP A 286 9.39 -4.18 11.29
C TRP A 286 9.46 -5.15 12.47
N GLU A 287 10.65 -5.26 13.07
CA GLU A 287 10.87 -6.30 14.10
C GLU A 287 10.59 -7.70 13.53
N GLY A 288 10.72 -7.84 12.21
CA GLY A 288 10.44 -9.13 11.56
C GLY A 288 11.38 -10.21 12.06
N ILE A 289 12.64 -9.84 12.31
CA ILE A 289 13.58 -10.85 12.83
C ILE A 289 13.26 -11.25 14.28
N ASP A 290 12.77 -10.30 15.07
CA ASP A 290 12.33 -10.57 16.45
C ASP A 290 11.24 -11.64 16.45
N ARG A 291 10.37 -11.57 15.45
CA ARG A 291 9.19 -12.43 15.41
C ARG A 291 9.45 -13.81 14.82
N ILE A 292 10.71 -14.11 14.50
CA ILE A 292 11.11 -15.51 14.16
C ILE A 292 10.84 -16.43 15.35
N THR A 293 11.11 -15.91 16.55
CA THR A 293 10.99 -16.69 17.78
C THR A 293 9.62 -16.53 18.47
N THR A 294 9.30 -17.49 19.33
CA THR A 294 8.11 -17.44 20.17
C THR A 294 8.57 -17.59 21.63
N PRO A 295 8.33 -16.57 22.49
CA PRO A 295 7.78 -15.25 22.20
C PRO A 295 8.71 -14.43 21.30
N ALA A 296 8.16 -13.43 20.62
CA ALA A 296 8.97 -12.54 19.79
C ALA A 296 10.06 -11.86 20.63
N GLY A 297 11.27 -11.80 20.07
CA GLY A 297 12.39 -11.12 20.74
C GLY A 297 13.03 -11.87 21.90
N SER A 298 12.58 -13.11 22.14
CA SER A 298 13.08 -13.93 23.26
C SER A 298 14.50 -14.45 23.04
N ASP A 299 14.99 -14.41 21.80
CA ASP A 299 16.36 -14.80 21.51
C ASP A 299 16.89 -13.98 20.34
N TYR A 300 17.21 -12.72 20.61
CA TYR A 300 17.55 -11.80 19.55
C TYR A 300 18.86 -12.19 18.88
N SER A 301 19.76 -12.82 19.65
CA SER A 301 20.99 -13.34 19.07
C SER A 301 20.65 -14.31 17.93
N TYR A 302 19.74 -15.23 18.22
CA TYR A 302 19.27 -16.17 17.20
C TYR A 302 18.59 -15.45 16.03
N SER A 303 17.73 -14.47 16.35
CA SER A 303 17.03 -13.69 15.33
C SER A 303 18.00 -13.09 14.32
N VAL A 304 19.10 -12.52 14.83
CA VAL A 304 20.08 -11.88 13.96
C VAL A 304 20.81 -12.92 13.12
N LYS A 305 21.27 -14.00 13.77
CA LYS A 305 21.94 -15.08 13.05
C LYS A 305 21.06 -15.67 11.94
N ALA A 306 19.84 -16.06 12.30
CA ALA A 306 18.91 -16.74 11.39
C ALA A 306 18.61 -15.87 10.17
N SER A 307 18.35 -14.58 10.39
CA SER A 307 17.88 -13.70 9.32
C SER A 307 19.02 -13.31 8.37
N ILE A 308 20.16 -12.95 8.94
CA ILE A 308 21.32 -12.56 8.13
C ILE A 308 21.82 -13.79 7.35
N LEU A 309 21.87 -14.95 8.01
CA LEU A 309 22.25 -16.17 7.29
C LEU A 309 21.25 -16.57 6.21
N ALA A 310 19.96 -16.26 6.43
CA ALA A 310 18.93 -16.53 5.44
C ALA A 310 19.12 -15.70 4.17
N GLY A 311 19.81 -14.55 4.29
CA GLY A 311 20.06 -13.72 3.12
C GLY A 311 19.52 -12.31 3.17
N LEU A 312 18.90 -11.91 4.28
CA LEU A 312 18.42 -10.51 4.39
C LEU A 312 19.60 -9.56 4.41
N ASP A 313 19.41 -8.39 3.80
CA ASP A 313 20.51 -7.40 3.64
C ASP A 313 20.40 -6.20 4.56
N MET A 314 19.17 -5.70 4.75
CA MET A 314 18.92 -4.55 5.59
C MET A 314 17.86 -4.92 6.62
N ILE A 315 18.10 -4.56 7.87
CA ILE A 315 17.16 -4.87 8.94
C ILE A 315 16.43 -3.61 9.38
N MET A 316 15.10 -3.66 9.25
CA MET A 316 14.21 -2.64 9.78
C MET A 316 14.09 -2.94 11.27
N VAL A 317 15.00 -2.34 12.07
CA VAL A 317 15.16 -2.77 13.47
C VAL A 317 13.86 -2.69 14.30
N PRO A 318 13.20 -1.53 14.33
CA PRO A 318 13.65 -0.21 13.89
C PRO A 318 14.16 0.67 15.04
N ASN A 319 14.03 0.17 16.29
CA ASN A 319 14.28 1.00 17.47
C ASN A 319 15.58 0.65 18.18
N LYS A 320 15.77 -0.64 18.45
CA LYS A 320 16.90 -1.07 19.27
C LYS A 320 18.15 -1.34 18.43
N TYR A 321 18.64 -0.28 17.79
CA TYR A 321 19.77 -0.41 16.87
C TYR A 321 21.05 -0.79 17.60
N GLN A 322 21.20 -0.38 18.86
CA GLN A 322 22.46 -0.64 19.54
C GLN A 322 22.62 -2.14 19.73
N GLN A 323 21.55 -2.78 20.18
CA GLN A 323 21.51 -4.23 20.37
C GLN A 323 21.74 -4.95 19.04
N PHE A 324 21.01 -4.54 18.00
CA PHE A 324 21.21 -5.11 16.67
C PHE A 324 22.69 -5.04 16.24
N ILE A 325 23.26 -3.84 16.25
CA ILE A 325 24.64 -3.66 15.80
C ILE A 325 25.61 -4.47 16.66
N SER A 326 25.39 -4.48 17.96
CA SER A 326 26.30 -5.18 18.88
C SER A 326 26.28 -6.69 18.61
N ILE A 327 25.07 -7.23 18.45
CA ILE A 327 24.90 -8.67 18.24
C ILE A 327 25.50 -9.08 16.91
N LEU A 328 25.21 -8.33 15.85
CA LEU A 328 25.73 -8.68 14.53
C LEU A 328 27.25 -8.56 14.52
N THR A 329 27.79 -7.52 15.15
CA THR A 329 29.24 -7.35 15.23
C THR A 329 29.88 -8.57 15.92
N GLY A 330 29.25 -9.03 16.99
CA GLY A 330 29.75 -10.17 17.78
C GLY A 330 29.75 -11.45 16.94
N HIS A 331 28.66 -11.67 16.18
CA HIS A 331 28.56 -12.86 15.33
C HIS A 331 29.65 -12.86 14.26
N VAL A 332 29.94 -11.69 13.70
CA VAL A 332 31.00 -11.57 12.72
C VAL A 332 32.38 -11.76 13.37
N ASN A 333 32.61 -11.08 14.50
CA ASN A 333 33.87 -11.21 15.25
C ASN A 333 34.16 -12.66 15.65
N GLY A 334 33.08 -13.41 15.88
CA GLY A 334 33.15 -14.82 16.31
C GLY A 334 33.22 -15.82 15.18
N GLY A 335 33.02 -15.35 13.96
CA GLY A 335 33.06 -16.20 12.77
C GLY A 335 31.78 -16.98 12.47
N VAL A 336 30.69 -16.64 13.18
CA VAL A 336 29.39 -17.32 13.03
C VAL A 336 28.68 -16.83 11.75
N ILE A 337 28.93 -15.57 11.40
CA ILE A 337 28.46 -14.98 10.15
C ILE A 337 29.72 -14.55 9.38
N PRO A 338 29.90 -15.10 8.16
CA PRO A 338 31.13 -14.81 7.41
C PRO A 338 31.13 -13.39 6.83
N MET A 339 32.33 -12.83 6.67
CA MET A 339 32.45 -11.52 6.02
C MET A 339 31.82 -11.51 4.62
N SER A 340 31.86 -12.64 3.91
CA SER A 340 31.23 -12.71 2.59
C SER A 340 29.74 -12.31 2.61
N ARG A 341 29.06 -12.68 3.69
CA ARG A 341 27.62 -12.41 3.83
C ARG A 341 27.38 -10.92 4.06
N ILE A 342 28.16 -10.33 4.98
CA ILE A 342 28.16 -8.90 5.21
C ILE A 342 28.48 -8.13 3.94
N ASP A 343 29.53 -8.55 3.23
CA ASP A 343 29.93 -7.91 1.97
C ASP A 343 28.84 -7.97 0.89
N ASP A 344 28.11 -9.09 0.82
CA ASP A 344 26.99 -9.23 -0.10
C ASP A 344 25.86 -8.25 0.23
N ALA A 345 25.47 -8.20 1.50
CA ALA A 345 24.42 -7.29 1.97
C ALA A 345 24.77 -5.84 1.61
N VAL A 346 26.02 -5.44 1.93
CA VAL A 346 26.46 -4.06 1.70
C VAL A 346 26.56 -3.77 0.21
N THR A 347 27.09 -4.73 -0.56
CA THR A 347 27.13 -4.59 -2.02
C THR A 347 25.75 -4.23 -2.58
N ARG A 348 24.73 -4.96 -2.13
CA ARG A 348 23.35 -4.79 -2.59
C ARG A 348 22.77 -3.44 -2.17
N ILE A 349 23.01 -3.04 -0.93
CA ILE A 349 22.53 -1.75 -0.44
C ILE A 349 23.22 -0.61 -1.21
N LEU A 350 24.53 -0.66 -1.32
CA LEU A 350 25.27 0.35 -2.09
C LEU A 350 24.85 0.35 -3.56
N ARG A 351 24.61 -0.84 -4.14
CA ARG A 351 24.18 -0.90 -5.55
C ARG A 351 22.91 -0.08 -5.76
N VAL A 352 21.93 -0.24 -4.87
CA VAL A 352 20.68 0.52 -4.99
C VAL A 352 20.96 2.01 -4.83
N LYS A 353 21.72 2.39 -3.81
CA LYS A 353 22.03 3.82 -3.59
C LYS A 353 22.75 4.48 -4.76
N PHE A 354 23.81 3.85 -5.28
CA PHE A 354 24.52 4.43 -6.44
C PHE A 354 23.60 4.49 -7.67
N THR A 355 22.86 3.40 -7.92
CA THR A 355 22.01 3.28 -9.12
C THR A 355 20.97 4.40 -9.19
N MET A 356 20.35 4.70 -8.06
CA MET A 356 19.27 5.68 -7.97
C MET A 356 19.76 7.13 -7.95
N GLY A 357 21.07 7.33 -7.89
CA GLY A 357 21.64 8.68 -7.91
C GLY A 357 21.77 9.32 -6.53
N LEU A 358 21.63 8.53 -5.48
CA LEU A 358 21.61 9.05 -4.12
C LEU A 358 22.91 9.80 -3.74
N PHE A 359 24.05 9.33 -4.26
CA PHE A 359 25.35 9.97 -3.95
C PHE A 359 25.47 11.33 -4.66
N GLU A 360 24.74 11.48 -5.76
CA GLU A 360 24.73 12.73 -6.52
C GLU A 360 23.69 13.72 -6.03
N ASN A 361 22.55 13.20 -5.57
CA ASN A 361 21.48 14.02 -5.03
C ASN A 361 20.98 13.53 -3.68
N PRO A 362 21.83 13.64 -2.64
CA PRO A 362 21.45 13.17 -1.32
C PRO A 362 20.42 14.07 -0.61
N TYR A 363 20.25 15.31 -1.07
CA TYR A 363 19.38 16.27 -0.42
C TYR A 363 18.09 16.53 -1.21
N ALA A 364 17.07 17.00 -0.49
CA ALA A 364 15.75 17.29 -1.08
C ALA A 364 15.81 18.46 -2.06
N ASP A 365 14.89 18.46 -3.02
CA ASP A 365 14.74 19.58 -3.95
C ASP A 365 13.56 20.46 -3.52
N PRO A 366 13.84 21.68 -3.02
CA PRO A 366 12.74 22.53 -2.54
C PRO A 366 11.70 22.84 -3.61
N ALA A 367 12.08 22.76 -4.88
CA ALA A 367 11.16 23.06 -5.99
C ALA A 367 10.13 21.94 -6.18
N MET A 368 10.39 20.80 -5.55
CA MET A 368 9.45 19.65 -5.61
C MET A 368 8.33 19.75 -4.59
N ALA A 369 8.47 20.62 -3.59
CA ALA A 369 7.48 20.71 -2.50
C ALA A 369 6.06 20.91 -3.02
N GLU A 370 5.93 21.69 -4.10
CA GLU A 370 4.63 22.02 -4.68
C GLU A 370 3.92 20.82 -5.35
N GLN A 371 4.63 19.71 -5.52
CA GLN A 371 4.03 18.49 -6.11
C GLN A 371 3.02 17.86 -5.15
N LEU A 372 3.17 18.14 -3.85
CA LEU A 372 2.27 17.58 -2.83
C LEU A 372 0.83 18.03 -3.06
N GLY A 373 -0.08 17.06 -3.19
CA GLY A 373 -1.50 17.35 -3.34
C GLY A 373 -1.84 18.07 -4.64
N LYS A 374 -0.97 17.96 -5.63
CA LYS A 374 -1.15 18.76 -6.86
C LYS A 374 -2.50 18.40 -7.51
N GLN A 375 -3.24 19.41 -7.97
CA GLN A 375 -4.55 19.15 -8.55
C GLN A 375 -4.57 18.09 -9.66
N GLU A 376 -3.55 18.08 -10.52
CA GLU A 376 -3.45 17.07 -11.58
C GLU A 376 -3.44 15.65 -10.99
N HIS A 377 -2.76 15.48 -9.86
CA HIS A 377 -2.72 14.17 -9.18
C HIS A 377 -4.09 13.82 -8.59
N ARG A 378 -4.77 14.83 -8.03
CA ARG A 378 -6.14 14.63 -7.54
C ARG A 378 -7.08 14.25 -8.67
N ASP A 379 -6.93 14.89 -9.84
CA ASP A 379 -7.72 14.49 -11.02
C ASP A 379 -7.50 13.03 -11.38
N LEU A 380 -6.25 12.57 -11.31
CA LEU A 380 -5.91 11.17 -11.53
C LEU A 380 -6.57 10.25 -10.49
N ALA A 381 -6.49 10.66 -9.21
CA ALA A 381 -7.10 9.88 -8.13
C ALA A 381 -8.62 9.78 -8.32
N ARG A 382 -9.22 10.88 -8.78
CA ARG A 382 -10.66 10.93 -9.06
C ARG A 382 -11.04 9.95 -10.18
N GLU A 383 -10.24 9.93 -11.25
CA GLU A 383 -10.39 8.96 -12.33
C GLU A 383 -10.28 7.52 -11.81
N ALA A 384 -9.27 7.26 -10.98
CA ALA A 384 -9.05 5.92 -10.43
C ALA A 384 -10.24 5.48 -9.54
N ALA A 385 -10.69 6.39 -8.68
CA ALA A 385 -11.81 6.12 -7.78
C ALA A 385 -13.05 5.73 -8.60
N ARG A 386 -13.34 6.53 -9.62
CA ARG A 386 -14.49 6.27 -10.49
C ARG A 386 -14.37 4.91 -11.18
N LYS A 387 -13.19 4.62 -11.72
CA LYS A 387 -12.95 3.36 -12.43
C LYS A 387 -12.97 2.13 -11.52
N SER A 388 -12.72 2.35 -10.22
CA SER A 388 -12.67 1.25 -9.25
C SER A 388 -14.06 0.78 -8.82
N LEU A 389 -15.08 1.62 -9.01
CA LEU A 389 -16.42 1.30 -8.49
C LEU A 389 -17.00 0.10 -9.20
N VAL A 390 -17.57 -0.82 -8.44
CA VAL A 390 -18.29 -1.97 -9.05
C VAL A 390 -19.78 -1.88 -8.74
N LEU A 391 -20.57 -1.74 -9.78
CA LEU A 391 -22.01 -1.66 -9.63
C LEU A 391 -22.54 -3.09 -9.47
N LEU A 392 -23.11 -3.37 -8.29
CA LEU A 392 -23.62 -4.71 -8.00
C LEU A 392 -25.11 -4.89 -8.25
N LYS A 393 -25.86 -3.79 -8.18
CA LYS A 393 -27.32 -3.83 -8.38
C LYS A 393 -27.76 -2.47 -8.90
N ASN A 394 -28.70 -2.46 -9.84
CA ASN A 394 -29.20 -1.20 -10.36
C ASN A 394 -30.68 -1.34 -10.71
N GLY A 395 -31.47 -1.62 -9.67
CA GLY A 395 -32.91 -1.84 -9.79
C GLY A 395 -33.30 -3.13 -9.06
N LYS A 396 -34.44 -3.12 -8.37
CA LYS A 396 -34.88 -4.26 -7.55
C LYS A 396 -35.52 -5.41 -8.33
N THR A 397 -36.01 -5.11 -9.52
CA THR A 397 -36.55 -6.13 -10.38
C THR A 397 -36.04 -5.83 -11.78
N SER A 398 -36.12 -6.84 -12.65
CA SER A 398 -35.67 -6.75 -14.03
C SER A 398 -36.51 -5.75 -14.83
N THR A 399 -37.61 -5.31 -14.24
CA THR A 399 -38.53 -4.41 -14.92
C THR A 399 -38.56 -2.99 -14.33
N ASP A 400 -37.90 -2.78 -13.20
CA ASP A 400 -37.78 -1.43 -12.64
C ASP A 400 -36.95 -0.52 -13.56
N ALA A 401 -37.25 0.77 -13.54
CA ALA A 401 -36.37 1.76 -14.17
C ALA A 401 -35.00 1.69 -13.48
N PRO A 402 -33.90 1.75 -14.25
CA PRO A 402 -32.60 1.80 -13.57
C PRO A 402 -32.48 3.06 -12.71
N LEU A 403 -32.04 2.92 -11.46
CA LEU A 403 -31.85 4.10 -10.61
C LEU A 403 -30.69 4.96 -11.06
N LEU A 404 -29.57 4.33 -11.37
CA LEU A 404 -28.36 5.03 -11.81
C LEU A 404 -28.26 5.02 -13.33
N PRO A 405 -27.83 6.14 -13.94
CA PRO A 405 -27.43 7.38 -13.25
C PRO A 405 -28.58 8.25 -12.73
N LEU A 406 -28.33 8.91 -11.60
CA LEU A 406 -29.30 9.81 -10.97
C LEU A 406 -29.28 11.17 -11.67
N PRO A 407 -30.42 11.88 -11.67
CA PRO A 407 -30.45 13.23 -12.24
C PRO A 407 -29.83 14.24 -11.29
N LYS A 408 -29.07 15.17 -11.87
CA LYS A 408 -28.44 16.24 -11.10
C LYS A 408 -29.44 17.32 -10.66
N LYS A 409 -30.57 17.40 -11.36
CA LYS A 409 -31.63 18.35 -11.00
C LYS A 409 -32.84 17.62 -10.43
N ALA A 410 -33.12 17.89 -9.15
CA ALA A 410 -34.28 17.34 -8.45
C ALA A 410 -34.65 18.33 -7.35
N PRO A 411 -35.92 18.39 -6.94
CA PRO A 411 -36.25 19.40 -5.91
C PRO A 411 -35.45 19.24 -4.60
N LYS A 412 -35.34 18.01 -4.12
CA LYS A 412 -34.73 17.78 -2.82
C LYS A 412 -34.21 16.36 -2.77
N ILE A 413 -32.97 16.20 -2.32
CA ILE A 413 -32.36 14.87 -2.21
C ILE A 413 -31.75 14.67 -0.82
N LEU A 414 -31.62 13.40 -0.44
CA LEU A 414 -31.05 13.04 0.86
C LEU A 414 -29.71 12.36 0.69
N VAL A 415 -28.73 12.80 1.47
CA VAL A 415 -27.45 12.10 1.58
C VAL A 415 -27.34 11.62 3.04
N ALA A 416 -27.06 10.35 3.24
CA ALA A 416 -27.12 9.79 4.60
C ALA A 416 -26.06 8.74 4.83
N GLY A 417 -25.89 8.35 6.09
CA GLY A 417 -25.04 7.23 6.43
C GLY A 417 -23.75 7.69 7.09
N SER A 418 -23.18 6.81 7.91
CA SER A 418 -21.89 7.07 8.59
C SER A 418 -20.71 7.37 7.69
N HIS A 419 -20.78 6.93 6.43
CA HIS A 419 -19.63 7.09 5.51
C HIS A 419 -19.88 8.18 4.47
N ALA A 420 -21.00 8.90 4.58
CA ALA A 420 -21.32 9.95 3.59
C ALA A 420 -20.46 11.21 3.73
N ASP A 421 -20.02 11.52 4.94
CA ASP A 421 -19.30 12.75 5.21
C ASP A 421 -18.17 12.45 6.20
N ASN A 422 -17.33 11.49 5.83
CA ASN A 422 -16.22 11.07 6.69
C ASN A 422 -15.02 10.72 5.83
N LEU A 423 -14.13 11.71 5.69
CA LEU A 423 -12.98 11.56 4.80
C LEU A 423 -12.07 10.41 5.24
N GLY A 424 -11.81 10.32 6.55
CA GLY A 424 -10.99 9.22 7.08
C GLY A 424 -11.57 7.85 6.76
N TYR A 425 -12.89 7.71 6.86
CA TYR A 425 -13.51 6.41 6.54
C TYR A 425 -13.36 6.07 5.06
N GLN A 426 -13.47 7.09 4.20
CA GLN A 426 -13.39 6.78 2.77
C GLN A 426 -11.95 6.48 2.30
N CYS A 427 -10.97 6.89 3.13
CA CYS A 427 -9.56 6.57 2.85
C CYS A 427 -9.09 5.23 3.44
N GLY A 428 -9.66 4.83 4.58
CA GLY A 428 -9.29 3.56 5.23
C GLY A 428 -7.89 3.63 5.85
N GLY A 429 -7.32 2.47 6.11
CA GLY A 429 -6.01 2.36 6.78
C GLY A 429 -4.87 2.99 6.00
N TRP A 430 -3.72 3.12 6.66
CA TRP A 430 -2.55 3.77 6.07
C TRP A 430 -2.93 5.14 5.51
N THR A 431 -3.63 5.94 6.30
CA THR A 431 -3.89 7.32 5.90
C THR A 431 -3.75 8.22 7.12
N ILE A 432 -2.69 9.04 7.10
CA ILE A 432 -2.29 9.98 8.18
C ILE A 432 -1.77 9.22 9.40
N GLU A 433 -2.60 8.31 9.93
CA GLU A 433 -2.15 7.37 10.94
C GLU A 433 -1.95 6.00 10.33
N TRP A 434 -1.20 5.17 11.03
CA TRP A 434 -1.01 3.77 10.62
C TRP A 434 -2.33 3.08 10.35
N GLN A 435 -3.25 3.17 11.31
CA GLN A 435 -4.54 2.46 11.27
C GLN A 435 -5.63 3.27 10.54
N GLY A 436 -5.24 4.40 9.94
CA GLY A 436 -6.20 5.37 9.47
C GLY A 436 -6.90 6.03 10.66
N ASP A 437 -7.96 6.77 10.37
CA ASP A 437 -8.62 7.56 11.41
C ASP A 437 -9.99 8.02 10.93
N THR A 438 -10.71 8.70 11.81
CA THR A 438 -12.06 9.16 11.52
C THR A 438 -12.09 10.68 11.28
N GLY A 439 -12.97 11.11 10.38
CA GLY A 439 -13.23 12.53 10.18
C GLY A 439 -12.32 13.22 9.17
N ARG A 440 -12.15 14.54 9.33
CA ARG A 440 -11.43 15.33 8.33
C ARG A 440 -9.94 15.38 8.67
N THR A 441 -9.25 14.29 8.30
CA THR A 441 -7.86 14.09 8.71
C THR A 441 -6.86 14.70 7.73
N THR A 442 -7.35 15.07 6.54
CA THR A 442 -6.48 15.57 5.47
C THR A 442 -7.30 16.41 4.49
N VAL A 443 -6.69 16.79 3.37
CA VAL A 443 -7.41 17.56 2.36
C VAL A 443 -8.11 16.60 1.40
N GLY A 444 -9.40 16.82 1.18
CA GLY A 444 -10.14 15.90 0.31
C GLY A 444 -11.58 16.35 0.17
N THR A 445 -12.36 15.48 -0.48
CA THR A 445 -13.76 15.76 -0.76
C THR A 445 -14.55 14.51 -0.36
N THR A 446 -15.44 14.66 0.62
CA THR A 446 -16.28 13.54 1.04
C THR A 446 -17.41 13.29 0.02
N ILE A 447 -18.17 12.22 0.21
CA ILE A 447 -19.27 11.92 -0.72
C ILE A 447 -20.32 13.03 -0.67
N LEU A 448 -20.61 13.53 0.53
CA LEU A 448 -21.55 14.64 0.70
C LEU A 448 -21.07 15.88 -0.05
N GLU A 449 -19.81 16.24 0.15
CA GLU A 449 -19.23 17.41 -0.49
C GLU A 449 -19.27 17.24 -2.02
N ALA A 450 -19.01 16.02 -2.48
CA ALA A 450 -19.03 15.71 -3.91
C ALA A 450 -20.45 15.84 -4.49
N VAL A 451 -21.44 15.37 -3.76
CA VAL A 451 -22.84 15.53 -4.19
C VAL A 451 -23.19 17.02 -4.35
N LYS A 452 -22.87 17.81 -3.33
CA LYS A 452 -23.15 19.24 -3.35
C LYS A 452 -22.44 19.95 -4.52
N ALA A 453 -21.25 19.46 -4.88
CA ALA A 453 -20.45 20.02 -5.98
C ALA A 453 -20.97 19.60 -7.36
N ALA A 454 -21.79 18.55 -7.40
CA ALA A 454 -22.24 17.95 -8.65
C ALA A 454 -23.62 18.43 -9.08
N VAL A 455 -24.52 18.56 -8.11
CA VAL A 455 -25.94 18.78 -8.41
C VAL A 455 -26.25 20.20 -8.93
N ASP A 456 -27.36 20.32 -9.63
CA ASP A 456 -27.87 21.61 -10.10
C ASP A 456 -28.04 22.58 -8.91
N PRO A 457 -27.84 23.90 -9.14
CA PRO A 457 -28.03 24.84 -8.02
C PRO A 457 -29.44 24.83 -7.40
N SER A 458 -30.45 24.40 -8.16
CA SER A 458 -31.81 24.32 -7.63
C SER A 458 -32.07 23.09 -6.77
N THR A 459 -31.14 22.13 -6.77
CA THR A 459 -31.39 20.96 -5.93
C THR A 459 -30.94 21.09 -4.51
N VAL A 460 -31.92 20.92 -3.63
CA VAL A 460 -31.69 21.05 -2.19
C VAL A 460 -31.08 19.74 -1.70
N VAL A 461 -29.92 19.84 -1.05
CA VAL A 461 -29.25 18.65 -0.53
C VAL A 461 -29.39 18.64 0.98
N VAL A 462 -30.01 17.58 1.50
CA VAL A 462 -30.12 17.42 2.95
C VAL A 462 -29.19 16.31 3.40
N PHE A 463 -28.39 16.60 4.43
CA PHE A 463 -27.56 15.57 5.05
C PHE A 463 -28.14 15.14 6.41
N ALA A 464 -28.28 13.83 6.60
CA ALA A 464 -28.66 13.26 7.89
C ALA A 464 -27.82 12.01 8.08
N GLU A 465 -27.00 11.97 9.13
CA GLU A 465 -26.09 10.83 9.27
C GLU A 465 -26.83 9.51 9.49
N ASN A 466 -27.86 9.54 10.33
CA ASN A 466 -28.64 8.34 10.65
C ASN A 466 -30.11 8.66 10.86
N PRO A 467 -30.81 9.01 9.77
CA PRO A 467 -32.22 9.42 9.86
C PRO A 467 -33.11 8.22 10.16
N ASP A 468 -34.20 8.45 10.87
CA ASP A 468 -35.16 7.37 11.08
C ASP A 468 -36.13 7.29 9.90
N ALA A 469 -36.92 6.20 9.87
CA ALA A 469 -37.80 5.95 8.74
C ALA A 469 -38.75 7.11 8.47
N GLU A 470 -39.29 7.68 9.55
CA GLU A 470 -40.28 8.74 9.42
C GLU A 470 -39.68 10.00 8.77
N PHE A 471 -38.48 10.37 9.20
CA PHE A 471 -37.75 11.51 8.63
C PHE A 471 -37.68 11.39 7.10
N VAL A 472 -37.34 10.19 6.61
CA VAL A 472 -37.22 9.96 5.18
C VAL A 472 -38.58 10.01 4.47
N LYS A 473 -39.56 9.27 5.00
CA LYS A 473 -40.90 9.22 4.42
C LYS A 473 -41.55 10.59 4.33
N SER A 474 -41.28 11.45 5.32
CA SER A 474 -41.90 12.78 5.40
C SER A 474 -41.08 13.88 4.70
N GLY A 475 -39.89 13.53 4.23
CA GLY A 475 -38.93 14.52 3.76
C GLY A 475 -39.13 15.15 2.39
N GLY A 476 -40.00 14.57 1.56
CA GLY A 476 -40.17 15.06 0.19
C GLY A 476 -38.95 14.87 -0.69
N PHE A 477 -38.23 13.77 -0.48
CA PHE A 477 -37.02 13.47 -1.25
C PHE A 477 -37.29 12.80 -2.58
N SER A 478 -36.48 13.15 -3.59
CA SER A 478 -36.56 12.53 -4.91
C SER A 478 -35.85 11.18 -4.92
N TYR A 479 -34.73 11.11 -4.21
CA TYR A 479 -33.95 9.89 -4.03
C TYR A 479 -32.96 10.15 -2.89
N ALA A 480 -32.28 9.10 -2.47
CA ALA A 480 -31.25 9.22 -1.46
C ALA A 480 -30.01 8.48 -1.89
N ILE A 481 -28.87 9.02 -1.44
CA ILE A 481 -27.59 8.34 -1.55
C ILE A 481 -27.16 8.02 -0.13
N VAL A 482 -26.91 6.75 0.15
CA VAL A 482 -26.59 6.34 1.52
C VAL A 482 -25.24 5.59 1.53
N ALA A 483 -24.31 6.07 2.35
CA ALA A 483 -22.95 5.52 2.34
C ALA A 483 -22.64 4.92 3.71
N VAL A 484 -22.24 3.65 3.70
CA VAL A 484 -21.99 2.88 4.92
C VAL A 484 -20.83 1.92 4.67
N GLY A 485 -20.32 1.29 5.73
CA GLY A 485 -19.26 0.29 5.54
C GLY A 485 -18.30 0.08 6.68
N GLU A 486 -17.10 -0.37 6.36
CA GLU A 486 -16.10 -0.70 7.37
C GLU A 486 -15.43 0.55 7.90
N HIS A 487 -14.93 0.45 9.13
CA HIS A 487 -14.05 1.48 9.67
C HIS A 487 -12.60 1.21 9.24
N PRO A 488 -11.74 2.24 9.29
CA PRO A 488 -10.34 2.07 8.90
C PRO A 488 -9.60 1.03 9.75
N TYR A 489 -8.74 0.26 9.11
CA TYR A 489 -7.91 -0.74 9.81
C TYR A 489 -6.69 -1.07 8.98
N THR A 490 -5.72 -1.66 9.66
CA THR A 490 -4.46 -2.03 9.06
C THR A 490 -3.92 -3.29 9.75
N GLU A 491 -3.42 -4.22 8.94
CA GLU A 491 -2.71 -5.40 9.45
C GLU A 491 -3.61 -6.18 10.41
N THR A 492 -3.08 -6.58 11.58
CA THR A 492 -3.83 -7.52 12.43
C THR A 492 -5.17 -6.97 12.94
N LYS A 493 -5.22 -5.65 13.18
CA LYS A 493 -6.47 -5.00 13.60
C LYS A 493 -7.59 -5.18 12.60
N GLY A 494 -7.23 -5.47 11.34
CA GLY A 494 -8.24 -5.71 10.30
C GLY A 494 -8.70 -7.16 10.15
N ASP A 495 -8.00 -8.09 10.79
CA ASP A 495 -8.41 -9.52 10.71
C ASP A 495 -9.83 -9.63 11.26
N ASN A 496 -10.70 -10.35 10.54
CA ASN A 496 -12.13 -10.30 10.84
C ASN A 496 -12.80 -11.57 10.35
N LEU A 497 -13.27 -12.38 11.29
CA LEU A 497 -13.87 -13.68 10.96
C LEU A 497 -15.33 -13.62 10.55
N ASN A 498 -15.98 -12.48 10.80
CA ASN A 498 -17.43 -12.36 10.53
C ASN A 498 -17.80 -11.52 9.32
N LEU A 499 -16.93 -10.55 9.00
CA LEU A 499 -17.06 -9.69 7.82
C LEU A 499 -18.46 -9.08 7.67
N THR A 500 -19.01 -8.62 8.80
CA THR A 500 -20.27 -7.88 8.80
C THR A 500 -19.95 -6.42 9.13
N ILE A 501 -20.60 -5.50 8.43
CA ILE A 501 -20.25 -4.09 8.64
C ILE A 501 -20.75 -3.61 9.99
N PRO A 502 -20.01 -2.66 10.62
CA PRO A 502 -20.46 -2.13 11.89
C PRO A 502 -21.80 -1.43 11.78
N GLU A 503 -22.54 -1.43 12.88
CA GLU A 503 -23.78 -0.68 12.96
C GLU A 503 -23.54 0.65 13.69
N PRO A 504 -24.30 1.69 13.34
CA PRO A 504 -25.40 1.64 12.37
C PRO A 504 -24.87 1.68 10.93
N GLY A 505 -25.39 0.78 10.09
CA GLY A 505 -25.06 0.76 8.67
C GLY A 505 -26.26 0.18 7.96
N LEU A 506 -26.46 -1.13 8.15
CA LEU A 506 -27.64 -1.79 7.62
C LEU A 506 -28.93 -1.11 8.07
N SER A 507 -28.99 -0.72 9.34
CA SER A 507 -30.23 -0.12 9.85
C SER A 507 -30.52 1.19 9.12
N THR A 508 -29.48 1.97 8.87
CA THR A 508 -29.62 3.23 8.14
C THR A 508 -30.11 2.99 6.72
N VAL A 509 -29.48 2.05 6.03
CA VAL A 509 -29.89 1.68 4.68
C VAL A 509 -31.36 1.25 4.64
N GLN A 510 -31.75 0.40 5.60
CA GLN A 510 -33.15 -0.05 5.66
C GLN A 510 -34.13 1.11 5.91
N ALA A 511 -33.75 2.04 6.79
CA ALA A 511 -34.59 3.20 7.12
C ALA A 511 -34.76 4.12 5.91
N VAL A 512 -33.66 4.39 5.22
CA VAL A 512 -33.64 5.30 4.08
C VAL A 512 -34.34 4.67 2.87
N CYS A 513 -33.91 3.47 2.49
CA CYS A 513 -34.46 2.81 1.30
C CYS A 513 -35.94 2.44 1.44
N GLY A 514 -36.39 2.25 2.69
CA GLY A 514 -37.81 2.01 2.96
C GLY A 514 -38.69 3.22 2.67
N GLY A 515 -38.08 4.40 2.66
CA GLY A 515 -38.81 5.67 2.48
C GLY A 515 -38.69 6.35 1.14
N VAL A 516 -37.62 6.06 0.39
CA VAL A 516 -37.39 6.68 -0.90
C VAL A 516 -36.42 5.78 -1.68
N ARG A 517 -36.42 5.87 -3.01
CA ARG A 517 -35.46 5.08 -3.78
C ARG A 517 -34.06 5.50 -3.40
N CYS A 518 -33.18 4.51 -3.29
CA CYS A 518 -31.86 4.76 -2.72
C CYS A 518 -30.75 4.08 -3.51
N ALA A 519 -29.63 4.78 -3.62
CA ALA A 519 -28.37 4.22 -4.09
C ALA A 519 -27.48 4.06 -2.86
N THR A 520 -27.11 2.81 -2.57
CA THR A 520 -26.22 2.51 -1.45
C THR A 520 -24.78 2.45 -1.93
N VAL A 521 -23.91 3.22 -1.27
CA VAL A 521 -22.48 3.21 -1.55
C VAL A 521 -21.79 2.49 -0.40
N LEU A 522 -21.23 1.32 -0.70
CA LEU A 522 -20.57 0.49 0.30
C LEU A 522 -19.06 0.74 0.30
N ILE A 523 -18.55 1.24 1.42
CA ILE A 523 -17.11 1.55 1.59
C ILE A 523 -16.53 0.37 2.38
N SER A 524 -15.61 -0.36 1.77
CA SER A 524 -15.03 -1.53 2.44
C SER A 524 -13.66 -1.87 1.85
N GLY A 525 -12.89 -2.66 2.57
CA GLY A 525 -11.57 -3.07 2.07
C GLY A 525 -11.64 -4.39 1.34
N ARG A 526 -12.86 -4.93 1.20
CA ARG A 526 -13.04 -6.34 0.84
C ARG A 526 -14.53 -6.63 0.72
N PRO A 527 -14.88 -7.77 0.10
CA PRO A 527 -16.26 -8.24 0.20
C PRO A 527 -16.65 -8.42 1.67
N VAL A 528 -17.88 -8.05 1.98
CA VAL A 528 -18.47 -8.22 3.31
C VAL A 528 -19.86 -8.80 3.11
N VAL A 529 -20.47 -9.31 4.19
CA VAL A 529 -21.84 -9.86 4.09
C VAL A 529 -22.74 -8.79 3.49
N VAL A 530 -23.36 -9.07 2.34
CA VAL A 530 -24.01 -7.99 1.58
C VAL A 530 -25.49 -8.27 1.21
N GLN A 531 -25.96 -9.52 1.35
CA GLN A 531 -27.38 -9.80 1.00
C GLN A 531 -28.40 -8.85 1.64
N PRO A 532 -28.30 -8.60 2.98
CA PRO A 532 -29.27 -7.67 3.60
C PRO A 532 -29.20 -6.23 3.04
N LEU A 533 -28.00 -5.73 2.78
CA LEU A 533 -27.86 -4.43 2.14
C LEU A 533 -28.47 -4.43 0.73
N LEU A 534 -28.19 -5.47 -0.03
CA LEU A 534 -28.78 -5.67 -1.36
C LEU A 534 -30.31 -5.65 -1.33
N ALA A 535 -30.88 -6.45 -0.42
CA ALA A 535 -32.33 -6.61 -0.31
C ALA A 535 -33.04 -5.26 -0.11
N ALA A 536 -32.41 -4.37 0.66
CA ALA A 536 -32.99 -3.07 0.99
C ALA A 536 -32.86 -2.07 -0.17
N SER A 537 -31.82 -2.22 -0.98
CA SER A 537 -31.38 -1.14 -1.88
C SER A 537 -31.92 -1.25 -3.31
N ASP A 538 -32.21 -0.09 -3.91
CA ASP A 538 -32.53 -0.06 -5.34
C ASP A 538 -31.25 -0.26 -6.15
N ALA A 539 -30.20 0.48 -5.81
CA ALA A 539 -28.91 0.27 -6.41
C ALA A 539 -27.86 0.11 -5.31
N LEU A 540 -26.80 -0.63 -5.61
CA LEU A 540 -25.70 -0.79 -4.65
C LEU A 540 -24.37 -0.80 -5.39
N VAL A 541 -23.44 -0.01 -4.87
CA VAL A 541 -22.10 0.18 -5.45
C VAL A 541 -21.05 -0.26 -4.41
N ALA A 542 -20.16 -1.18 -4.82
CA ALA A 542 -18.97 -1.48 -4.01
C ALA A 542 -17.91 -0.45 -4.41
N ALA A 543 -17.65 0.51 -3.51
CA ALA A 543 -16.71 1.60 -3.76
C ALA A 543 -15.32 1.34 -3.19
N TRP A 544 -15.15 0.20 -2.51
CA TRP A 544 -13.85 -0.12 -1.87
C TRP A 544 -13.41 1.01 -0.92
N LEU A 545 -12.14 1.41 -1.01
CA LEU A 545 -11.60 2.51 -0.16
C LEU A 545 -11.06 3.56 -1.12
N PRO A 546 -11.96 4.42 -1.65
CA PRO A 546 -11.63 5.23 -2.82
C PRO A 546 -10.65 6.39 -2.64
N GLY A 547 -10.33 6.75 -1.39
CA GLY A 547 -9.31 7.78 -1.16
C GLY A 547 -9.87 9.18 -0.99
N SER A 548 -9.04 10.18 -1.22
CA SER A 548 -9.43 11.55 -0.88
C SER A 548 -10.43 12.19 -1.86
N GLU A 549 -10.56 11.63 -3.06
CA GLU A 549 -11.30 12.31 -4.14
C GLU A 549 -12.71 11.75 -4.32
N GLY A 550 -13.60 12.14 -3.41
CA GLY A 550 -14.97 11.59 -3.38
C GLY A 550 -15.78 11.89 -4.62
N GLN A 551 -15.34 12.88 -5.39
CA GLN A 551 -16.01 13.18 -6.67
C GLN A 551 -15.92 12.03 -7.66
N GLY A 552 -14.95 11.13 -7.48
CA GLY A 552 -14.90 9.89 -8.28
C GLY A 552 -16.19 9.08 -8.16
N VAL A 553 -16.76 9.08 -6.95
CA VAL A 553 -18.01 8.36 -6.69
C VAL A 553 -19.18 9.03 -7.42
N THR A 554 -19.30 10.33 -7.24
CA THR A 554 -20.42 11.06 -7.85
C THR A 554 -20.31 11.14 -9.38
N ASP A 555 -19.08 11.07 -9.91
CA ASP A 555 -18.87 11.05 -11.37
C ASP A 555 -19.64 9.90 -12.02
N ALA A 556 -19.71 8.77 -11.33
CA ALA A 556 -20.46 7.61 -11.78
C ALA A 556 -21.95 7.67 -11.36
N LEU A 557 -22.21 8.08 -10.12
CA LEU A 557 -23.60 8.13 -9.65
C LEU A 557 -24.50 9.02 -10.52
N PHE A 558 -23.96 10.15 -10.98
CA PHE A 558 -24.72 11.10 -11.78
C PHE A 558 -24.49 10.97 -13.29
N GLY A 559 -23.77 9.93 -13.69
CA GLY A 559 -23.65 9.60 -15.11
C GLY A 559 -22.70 10.45 -15.93
N ASP A 560 -21.78 11.17 -15.30
CA ASP A 560 -20.73 11.84 -16.07
C ASP A 560 -19.87 10.81 -16.80
N PHE A 561 -19.72 9.64 -16.17
CA PHE A 561 -19.08 8.48 -16.77
C PHE A 561 -19.91 7.25 -16.45
N GLY A 562 -19.77 6.20 -17.27
CA GLY A 562 -20.46 4.96 -16.97
C GLY A 562 -19.65 4.11 -16.00
N PHE A 563 -20.34 3.24 -15.26
CA PHE A 563 -19.66 2.26 -14.41
C PHE A 563 -18.94 1.24 -15.28
N THR A 564 -17.69 0.93 -14.92
CA THR A 564 -16.91 -0.05 -15.68
C THR A 564 -16.15 -1.05 -14.81
N GLY A 565 -16.04 -0.77 -13.51
CA GLY A 565 -15.27 -1.63 -12.61
C GLY A 565 -15.87 -3.04 -12.57
N ARG A 566 -14.98 -4.02 -12.42
CA ARG A 566 -15.38 -5.42 -12.28
C ARG A 566 -14.72 -6.04 -11.04
N LEU A 567 -15.46 -6.89 -10.32
CA LEU A 567 -14.91 -7.46 -9.08
C LEU A 567 -13.54 -8.10 -9.31
N PRO A 568 -12.52 -7.69 -8.52
CA PRO A 568 -11.19 -8.31 -8.57
C PRO A 568 -11.06 -9.49 -7.58
N ARG A 569 -12.16 -9.79 -6.90
CA ARG A 569 -12.24 -10.84 -5.88
C ARG A 569 -13.59 -11.48 -5.99
N THR A 570 -13.68 -12.71 -5.52
CA THR A 570 -14.97 -13.41 -5.35
C THR A 570 -15.80 -12.75 -4.25
N TRP A 571 -17.11 -12.56 -4.48
CA TRP A 571 -17.99 -12.13 -3.41
C TRP A 571 -18.72 -13.35 -2.88
N PHE A 572 -18.39 -13.73 -1.64
CA PHE A 572 -18.95 -14.92 -1.00
C PHE A 572 -20.43 -14.76 -0.60
N LYS A 573 -21.13 -15.89 -0.49
CA LYS A 573 -22.51 -15.95 0.05
C LYS A 573 -22.45 -15.88 1.59
N SER A 574 -21.49 -16.58 2.19
CA SER A 574 -21.29 -16.56 3.65
C SER A 574 -19.84 -16.83 4.02
N VAL A 575 -19.44 -16.40 5.21
CA VAL A 575 -18.03 -16.57 5.62
C VAL A 575 -17.66 -18.04 5.84
N ASP A 576 -18.66 -18.89 6.12
CA ASP A 576 -18.35 -20.29 6.31
C ASP A 576 -17.92 -20.99 5.00
N GLN A 577 -18.06 -20.31 3.85
CA GLN A 577 -17.55 -20.81 2.56
C GLN A 577 -16.03 -20.65 2.43
N LEU A 578 -15.47 -19.75 3.23
CA LEU A 578 -14.10 -19.28 3.05
C LEU A 578 -13.05 -20.29 3.53
N PRO A 579 -11.90 -20.38 2.82
CA PRO A 579 -11.57 -19.64 1.60
C PRO A 579 -12.29 -20.21 0.36
N MET A 580 -12.66 -19.30 -0.54
CA MET A 580 -13.33 -19.67 -1.79
C MET A 580 -12.89 -18.71 -2.89
N ASN A 581 -12.11 -19.20 -3.85
CA ASN A 581 -11.53 -18.36 -4.92
C ASN A 581 -11.90 -18.88 -6.29
N VAL A 582 -11.90 -17.99 -7.31
CA VAL A 582 -12.16 -18.44 -8.68
C VAL A 582 -11.27 -19.60 -9.05
N GLY A 583 -11.86 -20.59 -9.72
CA GLY A 583 -11.11 -21.76 -10.14
C GLY A 583 -11.20 -22.93 -9.16
N ASP A 584 -11.76 -22.69 -7.98
CA ASP A 584 -11.95 -23.75 -6.98
C ASP A 584 -12.96 -24.76 -7.47
N ALA A 585 -12.74 -26.03 -7.13
CA ALA A 585 -13.68 -27.10 -7.46
C ALA A 585 -15.06 -26.78 -6.89
N HIS A 586 -15.10 -26.34 -5.64
CA HIS A 586 -16.34 -25.91 -5.01
C HIS A 586 -16.38 -24.39 -5.11
N TYR A 587 -17.13 -23.89 -6.08
CA TYR A 587 -17.21 -22.44 -6.28
C TYR A 587 -18.67 -22.02 -6.39
N ASP A 588 -19.14 -21.38 -5.33
CA ASP A 588 -20.55 -21.00 -5.20
C ASP A 588 -20.65 -19.54 -4.72
N PRO A 589 -20.20 -18.59 -5.57
CA PRO A 589 -20.18 -17.19 -5.16
C PRO A 589 -21.57 -16.53 -5.20
N LEU A 590 -21.72 -15.46 -4.41
CA LEU A 590 -22.81 -14.52 -4.58
C LEU A 590 -22.61 -13.73 -5.88
N PHE A 591 -21.39 -13.21 -6.08
CA PHE A 591 -20.97 -12.62 -7.35
C PHE A 591 -19.60 -13.18 -7.69
N ARG A 592 -19.44 -13.70 -8.90
CA ARG A 592 -18.15 -14.24 -9.33
C ARG A 592 -17.11 -13.13 -9.51
N LEU A 593 -15.83 -13.50 -9.44
CA LEU A 593 -14.77 -12.57 -9.85
C LEU A 593 -15.04 -12.15 -11.30
N GLY A 594 -14.91 -10.85 -11.57
CA GLY A 594 -15.17 -10.30 -12.90
C GLY A 594 -16.58 -9.75 -13.08
N TYR A 595 -17.46 -10.00 -12.12
CA TYR A 595 -18.84 -9.45 -12.17
C TYR A 595 -18.85 -7.93 -12.05
N GLY A 596 -19.70 -7.29 -12.83
CA GLY A 596 -19.91 -5.85 -12.64
C GLY A 596 -20.95 -5.39 -13.63
N LEU A 597 -21.98 -4.73 -13.15
CA LEU A 597 -22.97 -4.12 -14.02
C LEU A 597 -22.40 -2.82 -14.60
N THR A 598 -22.97 -2.38 -15.72
CA THR A 598 -22.52 -1.15 -16.36
C THR A 598 -23.64 -0.13 -16.53
N THR A 599 -23.24 1.12 -16.71
CA THR A 599 -24.15 2.15 -17.16
C THR A 599 -23.45 2.90 -18.27
N ASN A 600 -24.19 3.73 -18.99
CA ASN A 600 -23.58 4.65 -19.95
C ASN A 600 -23.68 6.10 -19.47
N ALA A 601 -22.68 6.89 -19.84
CA ALA A 601 -22.66 8.33 -19.53
C ALA A 601 -23.93 9.00 -20.06
N THR A 602 -24.51 9.89 -19.26
CA THR A 602 -25.67 10.69 -19.68
C THR A 602 -25.26 11.59 -20.85
#